data_3RRB
#
_entry.id   3RRB
#
_cell.length_a   122.102
_cell.length_b   122.102
_cell.length_c   155.614
_cell.angle_alpha   90.000
_cell.angle_beta   90.000
_cell.angle_gamma   90.000
#
_symmetry.space_group_name_H-M   'I 4 2 2'
#
loop_
_entity.id
_entity.type
_entity.pdbx_description
1 polymer 'Bifunctional NAD(P)H-hydrate repair enzyme Nnr'
2 polymer peptide
3 non-polymer 'POTASSIUM ION'
4 non-polymer 'ADENOSINE MONOPHOSPHATE'
5 water water
#
loop_
_entity_poly.entity_id
_entity_poly.type
_entity_poly.pdbx_seq_one_letter_code
_entity_poly.pdbx_strand_id
1 'polypeptide(L)'
;MGSDKIHHHHHHMKEIDELTIKEYGVDSRILMERAGISVVLAMEEELGNLSDYRFLVLCGGGNNGGDGFVVARNLLGVVK
DVLVVFLGKKKTPDCEYNYGLYKKFGGKVVEQFEPSILNEFDVVVDAIFGTGLRGEITGEYAEIINLVNKSGKVVVSVDV
PSGIDSNTGKVLRTAVKADLTVTFGVPKIGHILFPGRDLTGKLKVANIGHPVHLINSINRYVITREMVRSLLPERPRDSH
KGTYGKVLIIAGSRLYSGAPVLSGMGSLKVGTGLVKLAVPFPQNLIATSRFPELISVPIDTEKGFFSLQNLQECLELSKD
VDVVAIGPGLGNNEHVREFVNEFLKTLEKPAVIDADAINVLDTSVLKERKSPAVLTPHPGEMARLVKKTVGDVKYNYELA
EEFAKENDCVLVLKSATTIVTDGEKTLFNITGNTGLSKGGSGDVLTGMIAGFIAQGLSPLEASTVSVYLHGFAAELFEQD
ERGLTASELLRLIPEAIRRLKE
;
A
2 'polypeptide(L)' AWLFEA B
#
loop_
_chem_comp.id
_chem_comp.type
_chem_comp.name
_chem_comp.formula
AMP non-polymer 'ADENOSINE MONOPHOSPHATE' 'C10 H14 N5 O7 P'
K non-polymer 'POTASSIUM ION' 'K 1'
#
# COMPACT_ATOMS: atom_id res chain seq x y z
N MET A 13 9.23 8.77 13.21
CA MET A 13 9.49 10.17 12.77
C MET A 13 9.49 11.17 13.94
N LYS A 14 8.74 10.85 15.00
CA LYS A 14 8.80 11.64 16.23
C LYS A 14 10.25 11.65 16.74
N GLU A 15 10.91 10.50 16.62
CA GLU A 15 12.30 10.34 17.02
C GLU A 15 13.18 11.06 16.05
N ILE A 16 12.66 11.37 14.88
CA ILE A 16 13.48 12.01 13.86
C ILE A 16 13.54 13.53 14.05
N ASP A 17 12.40 14.13 14.35
CA ASP A 17 12.39 15.52 14.80
C ASP A 17 13.31 15.69 16.02
N GLU A 18 13.22 14.75 16.96
CA GLU A 18 14.00 14.82 18.20
C GLU A 18 15.49 14.75 17.96
N LEU A 19 15.92 13.86 17.07
CA LEU A 19 17.34 13.67 16.89
C LEU A 19 17.86 14.91 16.12
N THR A 20 17.09 15.37 15.14
CA THR A 20 17.53 16.51 14.34
C THR A 20 17.69 17.77 15.21
N ILE A 21 16.89 17.91 16.26
CA ILE A 21 17.05 19.02 17.19
C ILE A 21 18.19 18.77 18.18
N LYS A 22 18.09 17.64 18.88
CA LYS A 22 18.88 17.40 20.04
C LYS A 22 20.30 16.93 19.72
N GLU A 23 20.51 16.21 18.61
CA GLU A 23 21.88 15.76 18.32
C GLU A 23 22.49 16.46 17.11
N TYR A 24 21.70 16.81 16.13
CA TYR A 24 22.23 17.56 14.98
C TYR A 24 22.25 19.09 15.30
N GLY A 25 21.35 19.58 16.13
CA GLY A 25 21.44 20.97 16.58
C GLY A 25 20.59 21.97 15.85
N VAL A 26 19.64 21.48 15.09
CA VAL A 26 18.75 22.35 14.33
C VAL A 26 17.71 22.88 15.27
N ASP A 27 17.63 24.19 15.42
CA ASP A 27 16.59 24.77 16.24
C ASP A 27 15.22 24.30 15.77
N SER A 28 14.36 23.98 16.74
CA SER A 28 13.03 23.51 16.45
C SER A 28 12.25 24.63 15.83
N ARG A 29 12.60 25.89 16.12
CA ARG A 29 11.92 26.98 15.45
C ARG A 29 12.11 26.93 13.94
N ILE A 30 13.32 26.55 13.52
CA ILE A 30 13.69 26.45 12.11
C ILE A 30 12.93 25.29 11.43
N LEU A 31 12.87 24.11 12.04
CA LEU A 31 12.00 23.06 11.50
C LEU A 31 10.57 23.55 11.33
N MET A 32 10.04 24.29 12.29
CA MET A 32 8.65 24.72 12.22
C MET A 32 8.44 25.73 11.06
N GLU A 33 9.39 26.63 10.87
CA GLU A 33 9.33 27.61 9.80
C GLU A 33 9.38 26.92 8.47
N ARG A 34 10.36 26.03 8.30
CA ARG A 34 10.47 25.28 7.06
C ARG A 34 9.17 24.50 6.80
N ALA A 35 8.50 23.95 7.82
CA ALA A 35 7.25 23.20 7.59
C ALA A 35 6.14 24.11 7.05
N GLY A 36 6.04 25.29 7.65
CA GLY A 36 5.00 26.22 7.31
C GLY A 36 5.16 26.77 5.93
N ILE A 37 6.35 27.16 5.53
CA ILE A 37 6.51 27.63 4.19
C ILE A 37 6.34 26.52 3.16
N SER A 38 6.64 25.28 3.47
CA SER A 38 6.33 24.18 2.58
C SER A 38 4.87 24.14 2.23
N VAL A 39 4.06 24.33 3.26
CA VAL A 39 2.62 24.31 3.08
C VAL A 39 2.22 25.46 2.17
N VAL A 40 2.77 26.65 2.39
CA VAL A 40 2.46 27.77 1.48
C VAL A 40 2.83 27.42 0.06
N LEU A 41 4.00 26.83 -0.15
CA LEU A 41 4.46 26.54 -1.55
C LEU A 41 3.66 25.44 -2.23
N ALA A 42 3.24 24.45 -1.46
CA ALA A 42 2.38 23.39 -1.96
C ALA A 42 0.99 23.93 -2.43
N MET A 43 0.44 24.87 -1.68
CA MET A 43 -0.85 25.49 -2.03
C MET A 43 -0.71 26.32 -3.30
N GLU A 44 0.38 27.06 -3.46
CA GLU A 44 0.63 27.80 -4.70
C GLU A 44 0.66 26.89 -5.95
N GLU A 45 1.39 25.80 -5.86
CA GLU A 45 1.50 24.76 -6.89
C GLU A 45 0.16 24.12 -7.22
N GLU A 46 -0.70 23.99 -6.23
CA GLU A 46 -2.00 23.39 -6.45
C GLU A 46 -3.08 24.41 -6.82
N LEU A 47 -3.09 25.59 -6.21
CA LEU A 47 -4.13 26.57 -6.49
C LEU A 47 -3.75 27.66 -7.48
N GLY A 48 -2.49 27.67 -7.92
CA GLY A 48 -1.97 28.81 -8.66
C GLY A 48 -1.79 30.02 -7.77
N ASN A 49 -1.80 31.20 -8.36
CA ASN A 49 -1.57 32.42 -7.61
C ASN A 49 -2.56 32.56 -6.44
N LEU A 50 -2.01 32.74 -5.25
CA LEU A 50 -2.78 32.74 -4.01
C LEU A 50 -3.43 34.10 -3.67
N SER A 51 -3.12 35.16 -4.40
CA SER A 51 -3.55 36.49 -3.97
C SER A 51 -5.07 36.69 -4.07
N ASP A 52 -5.69 35.86 -4.89
CA ASP A 52 -7.10 35.89 -5.09
C ASP A 52 -7.93 35.32 -3.91
N TYR A 53 -7.33 34.50 -3.06
CA TYR A 53 -8.08 33.67 -2.09
C TYR A 53 -8.14 34.23 -0.68
N ARG A 54 -9.18 33.84 0.04
CA ARG A 54 -9.31 34.13 1.47
C ARG A 54 -9.09 32.84 2.31
N PHE A 55 -8.20 32.93 3.29
CA PHE A 55 -7.76 31.78 4.11
C PHE A 55 -8.23 31.80 5.57
N LEU A 56 -8.77 30.66 6.01
CA LEU A 56 -9.15 30.38 7.38
C LEU A 56 -8.24 29.26 7.85
N VAL A 57 -7.40 29.58 8.81
CA VAL A 57 -6.43 28.64 9.39
C VAL A 57 -6.94 28.24 10.78
N LEU A 58 -7.06 26.94 10.99
CA LEU A 58 -7.61 26.38 12.19
C LEU A 58 -6.48 25.78 12.98
N CYS A 59 -6.11 26.38 14.10
CA CYS A 59 -4.91 25.99 14.84
C CYS A 59 -5.23 25.41 16.20
N GLY A 60 -4.74 24.22 16.46
CA GLY A 60 -4.61 23.73 17.83
C GLY A 60 -3.41 24.33 18.57
N GLY A 61 -3.22 23.82 19.78
CA GLY A 61 -2.17 24.25 20.65
C GLY A 61 -0.84 23.56 20.53
N GLY A 62 -0.77 22.47 19.76
CA GLY A 62 0.46 21.70 19.64
C GLY A 62 1.29 22.25 18.52
N ASN A 63 2.21 21.43 18.02
CA ASN A 63 3.14 21.90 17.02
C ASN A 63 2.53 21.92 15.64
N ASN A 64 1.52 21.10 15.45
CA ASN A 64 0.74 21.21 14.26
C ASN A 64 0.14 22.62 14.11
N GLY A 65 -0.48 23.08 15.20
CA GLY A 65 -1.01 24.45 15.21
C GLY A 65 0.06 25.51 15.03
N GLY A 66 1.25 25.27 15.60
CA GLY A 66 2.36 26.14 15.37
C GLY A 66 2.66 26.28 13.89
N ASP A 67 2.56 25.15 13.18
CA ASP A 67 2.87 25.12 11.76
C ASP A 67 1.87 26.02 11.05
N GLY A 68 0.61 25.89 11.47
CA GLY A 68 -0.46 26.79 11.04
C GLY A 68 -0.18 28.25 11.26
N PHE A 69 0.35 28.61 12.43
CA PHE A 69 0.63 30.00 12.68
C PHE A 69 1.64 30.51 11.69
N VAL A 70 2.59 29.66 11.32
CA VAL A 70 3.62 30.05 10.33
C VAL A 70 3.01 30.28 8.93
N VAL A 71 2.10 29.39 8.55
CA VAL A 71 1.34 29.55 7.32
C VAL A 71 0.60 30.86 7.35
N ALA A 72 -0.13 31.10 8.43
CA ALA A 72 -0.94 32.28 8.50
C ALA A 72 -0.10 33.53 8.41
N ARG A 73 1.02 33.55 9.10
CA ARG A 73 1.85 34.74 9.09
C ARG A 73 2.39 35.01 7.70
N ASN A 74 2.82 33.96 7.03
CA ASN A 74 3.40 34.06 5.70
C ASN A 74 2.42 34.54 4.64
N LEU A 75 1.15 34.26 4.83
CA LEU A 75 0.08 34.70 3.91
C LEU A 75 -0.29 36.20 4.14
N LEU A 76 -0.05 36.73 5.35
CA LEU A 76 -0.29 38.15 5.64
C LEU A 76 0.30 39.13 4.58
N GLY A 77 -0.57 40.00 4.06
CA GLY A 77 -0.21 40.99 3.07
C GLY A 77 -0.18 40.50 1.64
N VAL A 78 -0.07 39.21 1.45
CA VAL A 78 0.07 38.67 0.11
C VAL A 78 -1.26 38.19 -0.47
N VAL A 79 -2.18 37.75 0.39
CA VAL A 79 -3.47 37.18 -0.02
C VAL A 79 -4.60 38.12 0.35
N LYS A 80 -5.82 37.79 -0.02
CA LYS A 80 -6.98 38.67 0.17
C LYS A 80 -7.38 38.86 1.64
N ASP A 81 -7.48 37.76 2.37
CA ASP A 81 -7.82 37.81 3.78
C ASP A 81 -7.32 36.56 4.45
N VAL A 82 -6.86 36.72 5.68
CA VAL A 82 -6.48 35.64 6.56
C VAL A 82 -7.14 35.75 7.91
N LEU A 83 -7.56 34.64 8.47
CA LEU A 83 -8.01 34.60 9.86
C LEU A 83 -7.65 33.26 10.52
N VAL A 84 -7.14 33.37 11.76
CA VAL A 84 -6.90 32.20 12.57
C VAL A 84 -7.98 32.02 13.62
N VAL A 85 -8.59 30.84 13.64
CA VAL A 85 -9.42 30.37 14.73
C VAL A 85 -8.54 29.45 15.54
N PHE A 86 -8.19 29.88 16.74
CA PHE A 86 -7.35 29.11 17.62
C PHE A 86 -8.26 28.34 18.57
N LEU A 87 -8.10 27.02 18.62
CA LEU A 87 -9.06 26.11 19.26
C LEU A 87 -8.49 25.35 20.43
N GLY A 88 -7.24 25.61 20.81
CA GLY A 88 -6.64 24.93 21.96
C GLY A 88 -6.88 25.69 23.27
N LYS A 89 -6.39 25.11 24.36
CA LYS A 89 -6.39 25.82 25.62
C LYS A 89 -4.99 26.41 25.82
N LYS A 90 -3.98 25.55 25.75
CA LYS A 90 -2.60 25.96 25.99
C LYS A 90 -1.83 25.80 24.69
N LYS A 91 -0.72 26.52 24.59
CA LYS A 91 0.15 26.46 23.45
C LYS A 91 1.51 25.88 23.86
N THR A 92 2.08 24.99 23.05
CA THR A 92 3.46 24.58 23.24
C THR A 92 4.38 25.76 22.93
N PRO A 93 5.64 25.69 23.39
CA PRO A 93 6.57 26.82 23.20
C PRO A 93 6.69 27.29 21.77
N ASP A 94 6.77 26.36 20.81
CA ASP A 94 7.01 26.76 19.46
C ASP A 94 5.69 27.29 18.89
N CYS A 95 4.57 26.71 19.29
CA CYS A 95 3.29 27.25 18.85
C CYS A 95 3.13 28.70 19.37
N GLU A 96 3.58 28.90 20.58
CA GLU A 96 3.44 30.18 21.24
C GLU A 96 4.31 31.27 20.54
N TYR A 97 5.56 30.95 20.32
CA TYR A 97 6.42 31.81 19.57
C TYR A 97 5.75 32.26 18.29
N ASN A 98 5.13 31.33 17.59
CA ASN A 98 4.60 31.66 16.30
C ASN A 98 3.27 32.35 16.31
N TYR A 99 2.51 32.14 17.36
CA TYR A 99 1.31 32.88 17.62
C TYR A 99 1.71 34.32 17.86
N GLY A 100 2.78 34.48 18.60
CA GLY A 100 3.36 35.78 18.90
C GLY A 100 3.80 36.57 17.71
N LEU A 101 4.43 35.89 16.74
CA LEU A 101 4.83 36.51 15.47
C LEU A 101 3.64 36.89 14.59
N TYR A 102 2.68 35.98 14.51
CA TYR A 102 1.50 36.23 13.69
C TYR A 102 0.81 37.49 14.18
N LYS A 103 0.73 37.61 15.49
CA LYS A 103 0.08 38.76 16.06
C LYS A 103 0.86 40.05 15.84
N LYS A 104 2.20 39.96 15.84
CA LYS A 104 3.08 41.13 15.65
C LYS A 104 3.06 41.59 14.21
N PHE A 105 2.99 40.63 13.31
CA PHE A 105 2.88 40.95 11.89
C PHE A 105 1.50 41.52 11.56
N GLY A 106 0.59 41.60 12.52
CA GLY A 106 -0.72 42.22 12.32
C GLY A 106 -1.87 41.26 12.01
N GLY A 107 -1.67 39.97 12.27
CA GLY A 107 -2.69 38.96 11.98
C GLY A 107 -3.80 38.91 12.98
N LYS A 108 -5.00 38.63 12.51
CA LYS A 108 -6.17 38.55 13.39
C LYS A 108 -6.39 37.09 13.84
N VAL A 109 -6.63 36.94 15.14
CA VAL A 109 -7.01 35.65 15.76
C VAL A 109 -8.36 35.76 16.44
N VAL A 110 -9.13 34.69 16.41
CA VAL A 110 -10.28 34.59 17.33
C VAL A 110 -10.23 33.22 17.97
N GLU A 111 -10.96 33.05 19.06
CA GLU A 111 -11.01 31.78 19.78
C GLU A 111 -12.39 31.12 19.72
N GLN A 112 -13.38 31.81 19.15
CA GLN A 112 -14.70 31.21 18.94
C GLN A 112 -14.99 30.91 17.45
N PHE A 113 -15.44 29.69 17.19
CA PHE A 113 -15.91 29.26 15.89
C PHE A 113 -17.40 29.55 15.74
N GLU A 114 -17.72 30.40 14.76
CA GLU A 114 -19.11 30.60 14.31
C GLU A 114 -19.39 29.74 13.05
N PRO A 115 -20.42 28.86 13.06
CA PRO A 115 -20.78 28.03 11.88
C PRO A 115 -20.72 28.80 10.56
N SER A 116 -21.27 30.00 10.55
CA SER A 116 -21.29 30.85 9.37
C SER A 116 -19.93 31.41 8.95
N ILE A 117 -18.87 31.15 9.70
CA ILE A 117 -17.58 31.75 9.35
C ILE A 117 -16.96 31.14 8.10
N LEU A 118 -17.33 29.90 7.77
CA LEU A 118 -16.90 29.29 6.51
C LEU A 118 -17.38 30.12 5.32
N ASN A 119 -18.48 30.86 5.49
CA ASN A 119 -19.01 31.75 4.45
C ASN A 119 -17.99 32.66 3.82
N GLU A 120 -17.18 33.32 4.63
CA GLU A 120 -16.34 34.41 4.10
C GLU A 120 -14.93 33.99 3.66
N PHE A 121 -14.71 32.69 3.46
CA PHE A 121 -13.39 32.18 3.12
C PHE A 121 -13.45 31.15 2.01
N ASP A 122 -12.34 30.98 1.30
CA ASP A 122 -12.28 30.05 0.19
C ASP A 122 -11.45 28.81 0.57
N VAL A 123 -10.42 29.01 1.39
CA VAL A 123 -9.56 27.90 1.76
C VAL A 123 -9.52 27.77 3.25
N VAL A 124 -9.72 26.53 3.71
CA VAL A 124 -9.55 26.13 5.12
C VAL A 124 -8.22 25.39 5.21
N VAL A 125 -7.30 25.91 6.02
CA VAL A 125 -6.05 25.24 6.35
C VAL A 125 -6.27 24.53 7.68
N ASP A 126 -6.08 23.21 7.71
CA ASP A 126 -6.45 22.42 8.89
C ASP A 126 -5.18 22.14 9.64
N ALA A 127 -4.89 22.92 10.68
CA ALA A 127 -3.69 22.71 11.53
C ALA A 127 -4.17 22.45 12.97
N ILE A 128 -5.22 21.66 13.09
CA ILE A 128 -5.82 21.39 14.42
C ILE A 128 -5.04 20.31 15.18
N PHE A 129 -4.96 19.11 14.65
CA PHE A 129 -4.06 18.09 15.23
C PHE A 129 -3.21 17.44 14.15
N GLY A 130 -2.04 16.96 14.54
CA GLY A 130 -1.18 16.25 13.59
C GLY A 130 -0.92 14.83 14.06
N THR A 131 0.34 14.43 14.02
CA THR A 131 0.69 13.12 14.48
C THR A 131 0.62 13.07 16.01
N GLY A 132 0.32 14.21 16.63
CA GLY A 132 0.19 14.35 18.08
C GLY A 132 -1.19 14.12 18.68
N LEU A 133 -2.01 13.31 18.01
CA LEU A 133 -3.38 12.99 18.42
C LEU A 133 -3.55 11.60 19.05
N ARG A 134 -3.91 11.56 20.34
CA ARG A 134 -4.38 10.30 20.99
C ARG A 134 -5.89 10.32 21.27
N GLY A 135 -6.56 9.21 20.97
CA GLY A 135 -7.94 9.07 21.32
C GLY A 135 -8.93 9.93 20.57
N GLU A 136 -10.21 9.62 20.77
CA GLU A 136 -11.30 10.06 19.91
C GLU A 136 -11.54 11.59 20.00
N ILE A 137 -11.94 12.19 18.89
CA ILE A 137 -12.32 13.59 18.88
C ILE A 137 -13.82 13.74 19.18
N THR A 138 -14.13 14.58 20.15
CA THR A 138 -15.50 14.90 20.55
C THR A 138 -15.67 16.42 20.74
N GLY A 139 -16.88 16.83 21.12
CA GLY A 139 -17.13 18.20 21.56
C GLY A 139 -16.99 19.12 20.39
N GLU A 140 -16.49 20.33 20.63
CA GLU A 140 -16.34 21.35 19.60
C GLU A 140 -15.39 20.97 18.53
N TYR A 141 -14.25 20.36 18.88
CA TYR A 141 -13.28 19.96 17.83
C TYR A 141 -14.05 19.13 16.75
N ALA A 142 -14.83 18.13 17.16
CA ALA A 142 -15.65 17.34 16.24
C ALA A 142 -16.63 18.22 15.44
N GLU A 143 -17.39 19.06 16.14
CA GLU A 143 -18.37 19.94 15.49
C GLU A 143 -17.74 20.72 14.36
N ILE A 144 -16.59 21.30 14.65
CA ILE A 144 -15.91 22.14 13.69
C ILE A 144 -15.42 21.34 12.46
N ILE A 145 -14.94 20.12 12.69
CA ILE A 145 -14.51 19.20 11.62
C ILE A 145 -15.69 18.79 10.74
N ASN A 146 -16.83 18.53 11.38
CA ASN A 146 -18.07 18.19 10.65
C ASN A 146 -18.56 19.38 9.83
N LEU A 147 -18.43 20.60 10.36
CA LEU A 147 -18.73 21.84 9.63
C LEU A 147 -17.85 22.02 8.38
N VAL A 148 -16.54 21.91 8.53
CA VAL A 148 -15.58 21.99 7.43
C VAL A 148 -15.85 20.94 6.32
N ASN A 149 -16.07 19.69 6.72
CA ASN A 149 -16.44 18.62 5.78
C ASN A 149 -17.75 18.84 5.01
N LYS A 150 -18.68 19.60 5.58
CA LYS A 150 -19.95 19.96 4.89
C LYS A 150 -19.81 21.24 4.04
N SER A 151 -18.68 21.94 4.13
CA SER A 151 -18.62 23.31 3.62
C SER A 151 -18.35 23.44 2.12
N GLY A 152 -17.70 22.43 1.51
CA GLY A 152 -17.39 22.47 0.05
C GLY A 152 -16.22 23.41 -0.27
N LYS A 153 -15.57 23.87 0.78
CA LYS A 153 -14.37 24.65 0.57
C LYS A 153 -13.22 23.70 0.29
N VAL A 154 -12.20 24.27 -0.31
CA VAL A 154 -10.93 23.62 -0.49
C VAL A 154 -10.25 23.51 0.89
N VAL A 155 -9.76 22.31 1.20
CA VAL A 155 -9.16 21.96 2.48
C VAL A 155 -7.72 21.48 2.29
N VAL A 156 -6.80 22.12 3.00
CA VAL A 156 -5.41 21.79 3.03
C VAL A 156 -5.09 21.41 4.48
N SER A 157 -4.66 20.17 4.65
CA SER A 157 -4.24 19.66 5.95
C SER A 157 -2.73 19.73 6.16
N VAL A 158 -2.34 20.20 7.33
CA VAL A 158 -0.97 20.23 7.73
C VAL A 158 -0.62 18.89 8.35
N ASP A 159 0.30 18.15 7.71
CA ASP A 159 0.88 16.88 8.21
C ASP A 159 0.02 15.62 8.05
N VAL A 160 -1.06 15.52 8.78
CA VAL A 160 -2.12 14.54 8.48
C VAL A 160 -3.41 15.23 8.75
N PRO A 161 -4.46 14.88 8.02
CA PRO A 161 -5.79 15.40 8.28
C PRO A 161 -6.18 15.15 9.71
N SER A 162 -6.63 16.19 10.40
CA SER A 162 -6.93 16.10 11.81
C SER A 162 -7.99 15.03 12.06
N GLY A 163 -7.69 14.08 12.93
CA GLY A 163 -8.54 12.99 13.22
C GLY A 163 -8.08 11.66 12.65
N ILE A 164 -7.13 11.64 11.73
CA ILE A 164 -6.47 10.39 11.39
C ILE A 164 -5.39 10.08 12.43
N ASP A 165 -5.33 8.82 12.84
CA ASP A 165 -4.27 8.30 13.69
C ASP A 165 -3.14 8.00 12.73
N SER A 166 -2.00 8.62 12.94
CA SER A 166 -0.96 8.57 11.93
C SER A 166 -0.23 7.21 11.89
N ASN A 167 -0.44 6.38 12.90
CA ASN A 167 0.17 5.05 12.95
C ASN A 167 -0.68 3.93 12.36
N THR A 168 -1.94 4.18 12.07
CA THR A 168 -2.82 3.10 11.61
C THR A 168 -3.69 3.50 10.38
N GLY A 169 -3.97 4.79 10.22
CA GLY A 169 -4.89 5.23 9.20
C GLY A 169 -6.32 5.23 9.66
N LYS A 170 -6.57 4.97 10.93
CA LYS A 170 -7.92 4.95 11.45
C LYS A 170 -8.46 6.35 11.75
N VAL A 171 -9.77 6.50 11.57
CA VAL A 171 -10.47 7.75 11.88
C VAL A 171 -10.83 7.68 13.34
N LEU A 172 -10.37 8.67 14.09
CA LEU A 172 -10.64 8.71 15.51
C LEU A 172 -11.97 9.46 15.73
N ARG A 173 -13.09 8.70 15.68
CA ARG A 173 -14.48 9.21 15.63
C ARG A 173 -14.77 10.05 14.42
N THR A 174 -14.04 11.15 14.27
CA THR A 174 -14.24 11.96 13.06
C THR A 174 -12.96 12.62 12.59
N ALA A 175 -12.94 12.97 11.31
CA ALA A 175 -11.72 13.47 10.67
C ALA A 175 -11.96 14.31 9.44
N VAL A 176 -11.02 15.19 9.22
CA VAL A 176 -11.07 16.13 8.15
C VAL A 176 -10.88 15.44 6.78
N LYS A 177 -11.74 15.75 5.82
CA LYS A 177 -11.48 15.36 4.44
C LYS A 177 -10.77 16.51 3.68
N ALA A 178 -9.48 16.29 3.40
CA ALA A 178 -8.62 17.28 2.72
C ALA A 178 -8.57 17.06 1.21
N ASP A 179 -8.40 18.15 0.47
CA ASP A 179 -8.09 18.09 -0.97
C ASP A 179 -6.58 17.91 -1.16
N LEU A 180 -5.81 18.43 -0.20
CA LEU A 180 -4.35 18.40 -0.26
C LEU A 180 -3.81 18.22 1.16
N THR A 181 -2.82 17.35 1.32
CA THR A 181 -2.17 17.19 2.58
C THR A 181 -0.71 17.37 2.35
N VAL A 182 -0.08 18.20 3.18
CA VAL A 182 1.39 18.40 3.08
C VAL A 182 2.01 17.83 4.32
N THR A 183 2.80 16.78 4.16
CA THR A 183 3.47 16.16 5.30
C THR A 183 5.00 16.39 5.23
N PHE A 184 5.74 15.98 6.24
CA PHE A 184 7.16 16.37 6.34
C PHE A 184 8.11 15.19 6.49
N GLY A 185 9.22 15.25 5.80
CA GLY A 185 10.17 14.15 5.83
C GLY A 185 9.73 12.92 5.06
N VAL A 186 8.74 12.20 5.58
CA VAL A 186 8.30 10.96 4.96
C VAL A 186 6.81 10.86 5.11
N PRO A 187 6.14 10.16 4.17
CA PRO A 187 4.76 9.75 4.36
C PRO A 187 4.62 8.97 5.65
N LYS A 188 3.53 9.15 6.34
CA LYS A 188 3.26 8.40 7.54
C LYS A 188 2.27 7.29 7.21
N ILE A 189 2.31 6.23 8.00
CA ILE A 189 1.44 5.07 7.78
C ILE A 189 -0.03 5.47 7.57
N GLY A 190 -0.51 6.40 8.40
CA GLY A 190 -1.82 6.98 8.26
C GLY A 190 -2.22 7.53 6.91
N HIS A 191 -1.27 8.07 6.14
CA HIS A 191 -1.59 8.52 4.77
C HIS A 191 -1.70 7.37 3.80
N ILE A 192 -1.14 6.23 4.17
CA ILE A 192 -0.92 5.14 3.25
C ILE A 192 -2.04 4.07 3.33
N LEU A 193 -2.57 3.87 4.55
CA LEU A 193 -3.63 2.94 4.82
C LEU A 193 -5.00 3.65 4.87
N PHE A 194 -6.05 2.92 4.51
CA PHE A 194 -7.42 3.44 4.53
C PHE A 194 -7.97 3.24 5.91
N PRO A 195 -8.94 4.06 6.33
CA PRO A 195 -9.57 5.17 5.57
C PRO A 195 -8.67 6.40 5.36
N GLY A 196 -7.61 6.50 6.17
CA GLY A 196 -6.74 7.69 6.13
C GLY A 196 -6.19 8.12 4.78
N ARG A 197 -5.82 7.15 3.96
CA ARG A 197 -5.34 7.44 2.63
C ARG A 197 -6.40 8.12 1.80
N ASP A 198 -7.67 7.78 2.04
CA ASP A 198 -8.75 8.47 1.35
C ASP A 198 -8.91 9.94 1.81
N LEU A 199 -8.70 10.21 3.09
CA LEU A 199 -8.99 11.53 3.63
C LEU A 199 -7.83 12.53 3.38
N THR A 200 -6.69 11.98 2.99
CA THR A 200 -5.46 12.74 2.76
C THR A 200 -5.56 13.54 1.47
N GLY A 201 -6.38 13.07 0.52
CA GLY A 201 -6.43 13.69 -0.81
C GLY A 201 -5.06 13.56 -1.43
N LYS A 202 -4.67 14.54 -2.22
CA LYS A 202 -3.38 14.60 -2.84
C LYS A 202 -2.26 14.89 -1.80
N LEU A 203 -1.27 14.01 -1.74
CA LEU A 203 -0.27 14.06 -0.70
C LEU A 203 1.04 14.57 -1.24
N LYS A 204 1.57 15.65 -0.65
CA LYS A 204 2.94 16.09 -0.93
C LYS A 204 3.82 15.86 0.30
N VAL A 205 5.03 15.37 0.09
CA VAL A 205 6.01 15.15 1.18
C VAL A 205 7.10 16.20 1.05
N ALA A 206 7.20 17.06 2.06
CA ALA A 206 8.15 18.15 2.04
C ALA A 206 9.45 17.80 2.79
N ASN A 207 10.56 18.21 2.22
CA ASN A 207 11.85 18.17 2.87
C ASN A 207 11.90 19.47 3.74
N ILE A 208 12.03 19.32 5.06
CA ILE A 208 12.06 20.51 5.96
C ILE A 208 13.38 20.65 6.72
N GLY A 209 14.34 19.85 6.32
CA GLY A 209 15.71 20.03 6.77
C GLY A 209 16.30 18.89 7.57
N HIS A 210 15.55 17.77 7.75
CA HIS A 210 16.10 16.57 8.39
C HIS A 210 17.31 16.03 7.63
N PRO A 211 18.36 15.61 8.33
CA PRO A 211 19.46 14.95 7.65
C PRO A 211 19.00 13.76 6.85
N VAL A 212 19.52 13.62 5.65
CA VAL A 212 19.07 12.58 4.74
C VAL A 212 19.25 11.17 5.33
N HIS A 213 20.33 10.94 6.06
CA HIS A 213 20.62 9.65 6.70
C HIS A 213 19.47 9.24 7.60
N LEU A 214 18.89 10.19 8.31
CA LEU A 214 17.75 9.85 9.16
C LEU A 214 16.50 9.49 8.34
N ILE A 215 16.23 10.24 7.28
CA ILE A 215 15.06 10.00 6.46
C ILE A 215 15.10 8.56 5.97
N ASN A 216 16.26 8.15 5.48
CA ASN A 216 16.46 6.81 4.87
C ASN A 216 16.50 5.66 5.86
N SER A 217 16.77 5.96 7.13
CA SER A 217 16.81 4.93 8.17
C SER A 217 15.45 4.26 8.33
N ILE A 218 14.36 5.03 8.19
CA ILE A 218 12.98 4.52 8.19
C ILE A 218 12.81 3.07 7.69
N ASN A 219 12.22 2.21 8.52
CA ASN A 219 12.17 0.76 8.30
C ASN A 219 11.03 0.30 7.34
N ARG A 220 10.08 1.20 7.09
CA ARG A 220 8.89 0.92 6.31
C ARG A 220 8.69 1.94 5.19
N TYR A 221 8.51 1.45 3.95
CA TYR A 221 8.44 2.31 2.77
C TYR A 221 7.27 2.01 1.84
N VAL A 222 6.95 2.99 1.02
CA VAL A 222 6.02 2.82 -0.07
C VAL A 222 6.75 2.31 -1.31
N ILE A 223 6.23 1.28 -1.98
CA ILE A 223 6.83 0.85 -3.24
C ILE A 223 6.72 1.98 -4.28
N THR A 224 7.83 2.40 -4.85
CA THR A 224 7.83 3.41 -5.90
C THR A 224 8.29 2.87 -7.25
N ARG A 225 7.90 3.60 -8.29
CA ARG A 225 8.37 3.38 -9.66
C ARG A 225 9.88 3.16 -9.72
N GLU A 226 10.63 3.99 -9.02
CA GLU A 226 12.06 3.98 -9.05
C GLU A 226 12.54 2.67 -8.43
N MET A 227 11.95 2.30 -7.32
CA MET A 227 12.36 1.08 -6.65
C MET A 227 12.13 -0.11 -7.56
N VAL A 228 10.98 -0.16 -8.21
CA VAL A 228 10.64 -1.27 -9.06
C VAL A 228 11.44 -1.34 -10.34
N ARG A 229 11.72 -0.17 -10.93
CA ARG A 229 12.59 -0.12 -12.08
C ARG A 229 13.90 -0.78 -11.77
N SER A 230 14.50 -0.47 -10.62
CA SER A 230 15.83 -1.00 -10.36
C SER A 230 15.82 -2.48 -9.94
N LEU A 231 14.66 -3.04 -9.62
CA LEU A 231 14.56 -4.47 -9.35
C LEU A 231 14.22 -5.33 -10.58
N LEU A 232 13.66 -4.75 -11.63
CA LEU A 232 13.36 -5.56 -12.82
C LEU A 232 14.59 -6.34 -13.31
N PRO A 233 14.47 -7.65 -13.49
CA PRO A 233 15.61 -8.43 -13.97
C PRO A 233 16.07 -8.06 -15.38
N GLU A 234 17.34 -8.29 -15.65
CA GLU A 234 17.88 -7.96 -16.97
C GLU A 234 17.46 -8.96 -18.03
N ARG A 235 17.45 -8.49 -19.27
CA ARG A 235 17.14 -9.28 -20.44
C ARG A 235 18.37 -9.31 -21.34
N PRO A 236 19.36 -10.17 -21.00
CA PRO A 236 20.59 -10.25 -21.83
C PRO A 236 20.27 -10.74 -23.23
N ARG A 237 20.80 -10.07 -24.23
CA ARG A 237 20.50 -10.48 -25.59
C ARG A 237 20.74 -11.95 -25.88
N ASP A 238 21.82 -12.54 -25.36
CA ASP A 238 22.13 -13.97 -25.59
C ASP A 238 21.45 -14.90 -24.58
N SER A 239 20.16 -15.06 -24.75
CA SER A 239 19.42 -15.76 -23.78
C SER A 239 18.50 -16.72 -24.49
N HIS A 240 17.97 -17.62 -23.72
CA HIS A 240 16.98 -18.56 -24.18
C HIS A 240 15.98 -18.78 -23.02
N LYS A 241 14.97 -19.56 -23.27
CA LYS A 241 13.91 -19.66 -22.29
C LYS A 241 14.37 -20.10 -20.89
N GLY A 242 15.36 -20.98 -20.83
CA GLY A 242 15.87 -21.44 -19.56
C GLY A 242 16.54 -20.35 -18.76
N THR A 243 17.17 -19.37 -19.43
CA THR A 243 17.64 -18.16 -18.74
C THR A 243 16.56 -17.50 -17.85
N TYR A 244 15.32 -17.49 -18.32
CA TYR A 244 14.24 -16.85 -17.64
C TYR A 244 13.40 -17.80 -16.75
N GLY A 245 13.87 -19.02 -16.49
CA GLY A 245 13.24 -19.89 -15.49
C GLY A 245 11.96 -20.61 -15.92
N LYS A 246 11.63 -21.61 -15.13
CA LYS A 246 10.45 -22.44 -15.25
C LYS A 246 9.56 -22.38 -13.99
N VAL A 247 8.26 -22.28 -14.20
CA VAL A 247 7.26 -22.27 -13.16
C VAL A 247 6.38 -23.51 -13.34
N LEU A 248 5.97 -24.14 -12.21
CA LEU A 248 4.88 -25.13 -12.20
C LEU A 248 3.76 -24.51 -11.40
N ILE A 249 2.56 -24.53 -11.96
CA ILE A 249 1.39 -24.08 -11.27
C ILE A 249 0.46 -25.28 -11.04
N ILE A 250 0.16 -25.56 -9.78
CA ILE A 250 -0.71 -26.66 -9.37
C ILE A 250 -2.03 -26.02 -8.94
N ALA A 251 -3.07 -26.25 -9.73
CA ALA A 251 -4.29 -25.48 -9.60
C ALA A 251 -5.48 -26.09 -10.32
N GLY A 252 -6.66 -25.57 -9.98
CA GLY A 252 -7.89 -25.85 -10.65
C GLY A 252 -8.49 -27.12 -10.09
N SER A 253 -9.71 -27.38 -10.52
CA SER A 253 -10.56 -28.40 -10.01
C SER A 253 -11.73 -28.39 -10.97
N ARG A 254 -12.64 -29.34 -10.80
CA ARG A 254 -13.76 -29.46 -11.68
C ARG A 254 -14.72 -28.28 -11.48
N LEU A 255 -14.69 -27.67 -10.30
CA LEU A 255 -15.50 -26.51 -9.99
C LEU A 255 -14.86 -25.25 -10.54
N TYR A 256 -13.54 -25.15 -10.49
CA TYR A 256 -12.86 -23.87 -10.84
C TYR A 256 -11.84 -24.08 -11.91
N SER A 257 -12.29 -24.05 -13.16
CA SER A 257 -11.43 -24.37 -14.27
C SER A 257 -10.65 -23.16 -14.83
N GLY A 258 -11.04 -21.93 -14.47
CA GLY A 258 -10.38 -20.71 -14.95
C GLY A 258 -9.09 -20.28 -14.28
N ALA A 259 -8.97 -20.56 -12.99
CA ALA A 259 -7.86 -20.03 -12.19
C ALA A 259 -6.48 -20.34 -12.75
N PRO A 260 -6.23 -21.61 -13.16
CA PRO A 260 -4.94 -22.05 -13.70
C PRO A 260 -4.42 -21.22 -14.88
N VAL A 261 -5.34 -20.92 -15.78
CA VAL A 261 -5.09 -20.17 -17.00
C VAL A 261 -4.63 -18.74 -16.67
N LEU A 262 -5.31 -18.10 -15.73
CA LEU A 262 -4.94 -16.74 -15.37
C LEU A 262 -3.62 -16.67 -14.62
N SER A 263 -3.36 -17.64 -13.74
CA SER A 263 -2.05 -17.70 -13.07
C SER A 263 -0.90 -17.97 -14.06
N GLY A 264 -1.09 -19.00 -14.88
CA GLY A 264 -0.15 -19.36 -15.95
C GLY A 264 0.27 -18.16 -16.79
N MET A 265 -0.69 -17.37 -17.27
CA MET A 265 -0.39 -16.23 -18.11
C MET A 265 0.16 -15.04 -17.36
N GLY A 266 -0.18 -14.92 -16.10
CA GLY A 266 0.51 -13.99 -15.25
C GLY A 266 2.02 -14.23 -15.25
N SER A 267 2.41 -15.50 -15.14
CA SER A 267 3.81 -15.86 -15.19
C SER A 267 4.40 -15.53 -16.53
N LEU A 268 3.78 -15.99 -17.61
CA LEU A 268 4.35 -15.70 -18.94
C LEU A 268 4.43 -14.23 -19.26
N LYS A 269 3.43 -13.45 -18.89
CA LYS A 269 3.39 -12.03 -19.30
C LYS A 269 4.49 -11.18 -18.57
N VAL A 270 5.03 -11.68 -17.46
CA VAL A 270 6.18 -10.98 -16.82
C VAL A 270 7.54 -11.47 -17.31
N GLY A 271 7.59 -12.38 -18.27
CA GLY A 271 8.85 -12.67 -18.95
C GLY A 271 9.45 -14.02 -18.60
N THR A 272 8.67 -14.88 -17.97
CA THR A 272 9.12 -16.23 -17.61
C THR A 272 9.29 -17.07 -18.85
N GLY A 273 10.26 -17.95 -18.84
CA GLY A 273 10.60 -18.74 -20.01
C GLY A 273 9.65 -19.89 -20.24
N LEU A 274 9.18 -20.51 -19.19
CA LEU A 274 8.31 -21.67 -19.38
C LEU A 274 7.37 -21.85 -18.19
N VAL A 275 6.10 -22.04 -18.50
CA VAL A 275 5.11 -22.28 -17.48
C VAL A 275 4.35 -23.57 -17.76
N LYS A 276 4.29 -24.45 -16.75
CA LYS A 276 3.58 -25.71 -16.84
C LYS A 276 2.46 -25.65 -15.80
N LEU A 277 1.24 -25.98 -16.20
CA LEU A 277 0.15 -26.16 -15.25
C LEU A 277 -0.10 -27.66 -15.02
N ALA A 278 -0.58 -28.00 -13.83
CA ALA A 278 -1.00 -29.36 -13.52
C ALA A 278 -2.42 -29.16 -13.03
N VAL A 279 -3.40 -29.67 -13.76
CA VAL A 279 -4.81 -29.33 -13.59
C VAL A 279 -5.59 -30.63 -13.84
N PRO A 280 -6.58 -30.91 -13.01
CA PRO A 280 -7.34 -32.16 -13.28
C PRO A 280 -7.99 -32.18 -14.67
N PHE A 281 -7.89 -33.33 -15.29
CA PHE A 281 -8.49 -33.64 -16.56
C PHE A 281 -9.99 -33.66 -16.43
N PRO A 282 -10.73 -33.14 -17.44
CA PRO A 282 -10.28 -32.49 -18.64
C PRO A 282 -10.13 -31.00 -18.50
N GLN A 283 -10.22 -30.48 -17.28
CA GLN A 283 -10.21 -29.02 -17.13
C GLN A 283 -8.89 -28.45 -17.60
N ASN A 284 -7.83 -29.25 -17.58
CA ASN A 284 -6.54 -28.81 -18.13
C ASN A 284 -6.63 -28.35 -19.57
N LEU A 285 -7.58 -28.92 -20.30
CA LEU A 285 -7.80 -28.58 -21.72
C LEU A 285 -8.25 -27.14 -21.97
N ILE A 286 -8.92 -26.56 -20.98
CA ILE A 286 -9.38 -25.18 -21.04
C ILE A 286 -8.21 -24.22 -21.29
N ALA A 287 -7.05 -24.47 -20.65
CA ALA A 287 -5.96 -23.47 -20.66
C ALA A 287 -5.37 -23.31 -22.03
N THR A 288 -5.11 -24.42 -22.70
CA THR A 288 -4.37 -24.41 -23.95
C THR A 288 -5.28 -24.03 -25.06
N SER A 289 -6.59 -24.19 -24.86
CA SER A 289 -7.50 -23.73 -25.87
C SER A 289 -7.59 -22.18 -25.83
N ARG A 290 -7.41 -21.57 -24.69
CA ARG A 290 -7.34 -20.12 -24.62
C ARG A 290 -5.90 -19.61 -24.95
N PHE A 291 -4.89 -20.22 -24.36
CA PHE A 291 -3.52 -19.83 -24.55
C PHE A 291 -2.62 -21.04 -24.86
N PRO A 292 -2.43 -21.33 -26.17
CA PRO A 292 -1.72 -22.55 -26.50
C PRO A 292 -0.22 -22.52 -26.23
N GLU A 293 0.28 -21.37 -25.75
CA GLU A 293 1.67 -21.20 -25.33
C GLU A 293 1.85 -21.93 -24.04
N LEU A 294 0.78 -22.15 -23.28
CA LEU A 294 0.95 -22.80 -21.96
C LEU A 294 1.11 -24.30 -22.16
N ILE A 295 1.81 -24.92 -21.23
CA ILE A 295 1.77 -26.35 -21.09
C ILE A 295 0.79 -26.66 -19.97
N SER A 296 -0.18 -27.53 -20.23
CA SER A 296 -1.20 -27.89 -19.25
C SER A 296 -1.32 -29.40 -19.12
N VAL A 297 -0.76 -29.94 -18.06
CA VAL A 297 -0.64 -31.39 -17.84
C VAL A 297 -1.94 -31.91 -17.23
N PRO A 298 -2.56 -32.92 -17.86
CA PRO A 298 -3.76 -33.52 -17.25
C PRO A 298 -3.38 -34.31 -16.00
N ILE A 299 -4.04 -34.03 -14.89
CA ILE A 299 -3.91 -34.87 -13.72
C ILE A 299 -5.18 -35.75 -13.57
N ASP A 300 -4.96 -37.05 -13.42
CA ASP A 300 -6.10 -37.96 -13.32
C ASP A 300 -6.51 -38.01 -11.88
N THR A 301 -7.70 -37.54 -11.58
CA THR A 301 -8.17 -37.47 -10.23
C THR A 301 -9.43 -38.36 -10.14
N GLU A 302 -9.84 -38.68 -8.91
CA GLU A 302 -10.99 -39.53 -8.66
C GLU A 302 -12.33 -38.83 -8.93
N LYS A 303 -12.43 -37.58 -8.46
CA LYS A 303 -13.68 -36.80 -8.43
C LYS A 303 -13.49 -35.32 -8.79
N GLY A 304 -12.45 -34.95 -9.51
CA GLY A 304 -12.30 -33.57 -9.96
C GLY A 304 -11.35 -32.71 -9.14
N PHE A 305 -10.77 -33.30 -8.09
CA PHE A 305 -9.88 -32.64 -7.16
C PHE A 305 -8.62 -33.40 -6.94
N PHE A 306 -7.55 -32.61 -6.75
CA PHE A 306 -6.27 -33.13 -6.30
C PHE A 306 -6.42 -33.87 -5.00
N SER A 307 -5.66 -34.96 -4.83
CA SER A 307 -5.60 -35.69 -3.57
C SER A 307 -4.20 -36.30 -3.37
N LEU A 308 -3.98 -37.08 -2.31
CA LEU A 308 -2.64 -37.71 -2.11
C LEU A 308 -2.23 -38.63 -3.28
N GLN A 309 -3.22 -39.24 -3.93
CA GLN A 309 -2.97 -40.04 -5.12
C GLN A 309 -2.18 -39.22 -6.22
N ASN A 310 -2.23 -37.89 -6.18
CA ASN A 310 -1.51 -37.13 -7.17
C ASN A 310 -0.20 -36.56 -6.66
N LEU A 311 0.15 -36.89 -5.41
CA LEU A 311 1.35 -36.36 -4.76
C LEU A 311 2.63 -36.70 -5.55
N GLN A 312 2.83 -37.96 -5.87
CA GLN A 312 4.05 -38.37 -6.54
C GLN A 312 4.15 -37.74 -7.92
N GLU A 313 3.11 -37.86 -8.73
CA GLU A 313 3.14 -37.14 -10.00
C GLU A 313 3.56 -35.64 -9.88
N CYS A 314 3.14 -34.95 -8.82
CA CYS A 314 3.41 -33.51 -8.73
C CYS A 314 4.84 -33.19 -8.28
N LEU A 315 5.37 -34.01 -7.37
CA LEU A 315 6.76 -33.85 -6.98
C LEU A 315 7.62 -34.11 -8.21
N GLU A 316 7.22 -35.08 -9.02
CA GLU A 316 8.00 -35.37 -10.21
C GLU A 316 8.02 -34.16 -11.17
N LEU A 317 6.85 -33.64 -11.51
CA LEU A 317 6.78 -32.43 -12.30
C LEU A 317 7.59 -31.25 -11.70
N SER A 318 7.71 -31.18 -10.39
CA SER A 318 8.40 -30.07 -9.77
C SER A 318 9.95 -30.15 -9.76
N LYS A 319 10.51 -31.31 -10.04
CA LYS A 319 11.98 -31.42 -10.19
C LYS A 319 12.56 -30.56 -11.33
N ASP A 320 11.82 -30.40 -12.42
CA ASP A 320 12.38 -29.69 -13.58
C ASP A 320 12.11 -28.16 -13.54
N VAL A 321 11.61 -27.64 -12.41
CA VAL A 321 11.18 -26.25 -12.34
C VAL A 321 11.92 -25.50 -11.27
N ASP A 322 11.80 -24.19 -11.32
CA ASP A 322 12.43 -23.28 -10.39
C ASP A 322 11.52 -22.85 -9.25
N VAL A 323 10.22 -22.81 -9.46
CA VAL A 323 9.30 -22.33 -8.43
C VAL A 323 7.99 -23.08 -8.66
N VAL A 324 7.22 -23.26 -7.60
CA VAL A 324 5.91 -23.86 -7.72
C VAL A 324 4.90 -22.90 -7.10
N ALA A 325 3.83 -22.57 -7.86
CA ALA A 325 2.65 -21.83 -7.33
C ALA A 325 1.56 -22.89 -7.05
N ILE A 326 0.82 -22.79 -5.97
CA ILE A 326 -0.21 -23.75 -5.63
C ILE A 326 -1.36 -23.05 -4.97
N GLY A 327 -2.59 -23.44 -5.30
CA GLY A 327 -3.76 -22.94 -4.59
C GLY A 327 -4.97 -22.52 -5.38
N PRO A 328 -4.79 -21.72 -6.38
CA PRO A 328 -5.98 -21.13 -7.06
C PRO A 328 -6.95 -22.20 -7.64
N GLY A 329 -8.20 -22.08 -7.25
CA GLY A 329 -9.25 -23.02 -7.63
C GLY A 329 -9.02 -24.49 -7.28
N LEU A 330 -8.22 -24.80 -6.26
CA LEU A 330 -8.06 -26.21 -5.85
C LEU A 330 -9.29 -26.80 -5.16
N GLY A 331 -10.14 -25.94 -4.62
CA GLY A 331 -11.22 -26.41 -3.75
C GLY A 331 -10.66 -26.64 -2.36
N ASN A 332 -11.54 -26.67 -1.37
CA ASN A 332 -11.10 -26.82 0.00
C ASN A 332 -11.82 -28.01 0.65
N ASN A 333 -11.34 -29.23 0.44
CA ASN A 333 -11.93 -30.41 1.12
C ASN A 333 -10.78 -31.19 1.76
N GLU A 334 -11.08 -32.25 2.45
CA GLU A 334 -10.06 -32.92 3.24
C GLU A 334 -8.94 -33.50 2.38
N HIS A 335 -9.30 -34.06 1.24
CA HIS A 335 -8.30 -34.69 0.39
C HIS A 335 -7.38 -33.65 -0.22
N VAL A 336 -7.89 -32.45 -0.51
CA VAL A 336 -7.04 -31.35 -0.96
C VAL A 336 -6.09 -30.92 0.15
N ARG A 337 -6.58 -30.93 1.39
CA ARG A 337 -5.76 -30.57 2.56
C ARG A 337 -4.58 -31.51 2.73
N GLU A 338 -4.86 -32.80 2.70
CA GLU A 338 -3.82 -33.81 2.84
C GLU A 338 -2.77 -33.58 1.75
N PHE A 339 -3.22 -33.46 0.53
CA PHE A 339 -2.33 -33.26 -0.60
C PHE A 339 -1.49 -32.02 -0.46
N VAL A 340 -2.10 -30.87 -0.20
CA VAL A 340 -1.33 -29.61 -0.16
C VAL A 340 -0.24 -29.65 0.93
N ASN A 341 -0.65 -30.09 2.11
CA ASN A 341 0.28 -30.21 3.24
C ASN A 341 1.38 -31.26 3.02
N GLU A 342 1.07 -32.47 2.58
CA GLU A 342 2.15 -33.38 2.25
C GLU A 342 3.07 -32.83 1.12
N PHE A 343 2.47 -32.24 0.09
CA PHE A 343 3.27 -31.66 -0.99
C PHE A 343 4.24 -30.58 -0.49
N LEU A 344 3.74 -29.55 0.16
CA LEU A 344 4.60 -28.48 0.68
C LEU A 344 5.71 -28.98 1.64
N LYS A 345 5.40 -30.01 2.40
CA LYS A 345 6.37 -30.66 3.31
C LYS A 345 7.56 -31.31 2.57
N THR A 346 7.30 -31.87 1.40
CA THR A 346 8.34 -32.56 0.64
C THR A 346 8.97 -31.66 -0.42
N LEU A 347 8.20 -30.76 -0.99
CA LEU A 347 8.77 -29.89 -2.02
C LEU A 347 9.98 -29.06 -1.51
N GLU A 348 11.13 -29.25 -2.15
CA GLU A 348 12.32 -28.50 -1.83
C GLU A 348 12.63 -27.51 -2.92
N LYS A 349 11.63 -26.68 -3.23
CA LYS A 349 11.68 -25.54 -4.13
C LYS A 349 10.91 -24.38 -3.47
N PRO A 350 11.19 -23.15 -3.90
CA PRO A 350 10.33 -22.03 -3.48
C PRO A 350 8.87 -22.26 -3.82
N ALA A 351 7.97 -21.94 -2.90
CA ALA A 351 6.52 -22.12 -3.07
C ALA A 351 5.85 -20.74 -3.05
N VAL A 352 4.83 -20.52 -3.89
CA VAL A 352 4.00 -19.36 -3.78
C VAL A 352 2.66 -19.99 -3.46
N ILE A 353 2.09 -19.61 -2.32
CA ILE A 353 0.93 -20.26 -1.72
C ILE A 353 -0.23 -19.25 -1.65
N ASP A 354 -1.28 -19.56 -2.40
CA ASP A 354 -2.42 -18.67 -2.63
C ASP A 354 -3.74 -19.39 -2.36
N ALA A 355 -4.78 -18.61 -2.15
CA ALA A 355 -6.15 -19.07 -2.21
C ALA A 355 -6.42 -20.31 -1.37
N ASP A 356 -7.01 -21.33 -1.99
CA ASP A 356 -7.33 -22.56 -1.28
C ASP A 356 -6.15 -23.29 -0.65
N ALA A 357 -4.95 -23.09 -1.18
CA ALA A 357 -3.77 -23.69 -0.57
C ALA A 357 -3.60 -23.05 0.81
N ILE A 358 -3.89 -21.74 0.93
CA ILE A 358 -3.85 -21.07 2.23
C ILE A 358 -4.98 -21.59 3.16
N ASN A 359 -6.20 -21.67 2.68
CA ASN A 359 -7.32 -22.18 3.49
C ASN A 359 -7.09 -23.54 4.14
N VAL A 360 -6.32 -24.41 3.50
CA VAL A 360 -6.08 -25.73 4.07
C VAL A 360 -4.69 -25.86 4.73
N LEU A 361 -3.94 -24.78 4.82
CA LEU A 361 -2.55 -24.86 5.21
C LEU A 361 -2.41 -25.16 6.68
N ASP A 362 -1.49 -26.06 6.98
CA ASP A 362 -1.03 -26.30 8.35
C ASP A 362 0.24 -25.47 8.48
N THR A 363 0.23 -24.48 9.38
CA THR A 363 1.32 -23.52 9.43
C THR A 363 2.60 -24.16 10.07
N SER A 364 2.47 -25.31 10.72
CA SER A 364 3.62 -26.07 11.21
C SER A 364 4.48 -26.49 10.03
N VAL A 365 3.85 -26.67 8.88
CA VAL A 365 4.54 -27.14 7.69
C VAL A 365 5.41 -26.04 7.05
N LEU A 366 5.03 -24.78 7.26
CA LEU A 366 5.88 -23.64 6.84
C LEU A 366 7.14 -23.44 7.64
N LYS A 367 7.09 -23.80 8.91
CA LYS A 367 8.26 -23.66 9.76
C LYS A 367 9.28 -24.73 9.38
N GLU A 368 8.84 -25.97 9.22
CA GLU A 368 9.77 -27.07 8.98
C GLU A 368 10.39 -27.08 7.57
N ARG A 369 9.82 -26.32 6.62
CA ARG A 369 10.34 -26.23 5.25
C ARG A 369 11.66 -25.49 5.25
N LYS A 370 12.68 -26.09 4.62
CA LYS A 370 13.99 -25.43 4.40
C LYS A 370 13.91 -24.34 3.30
N SER A 371 13.25 -24.69 2.18
CA SER A 371 12.97 -23.75 1.09
C SER A 371 12.00 -22.60 1.45
N PRO A 372 12.09 -21.48 0.71
CA PRO A 372 11.27 -20.31 1.00
C PRO A 372 9.86 -20.41 0.43
N ALA A 373 8.97 -19.53 0.91
CA ALA A 373 7.61 -19.48 0.52
C ALA A 373 7.18 -18.02 0.48
N VAL A 374 6.18 -17.68 -0.34
CA VAL A 374 5.42 -16.45 -0.24
C VAL A 374 3.96 -16.83 -0.01
N LEU A 375 3.29 -16.28 1.00
CA LEU A 375 1.85 -16.46 1.13
C LEU A 375 1.17 -15.20 0.67
N THR A 376 0.06 -15.36 -0.04
CA THR A 376 -0.64 -14.22 -0.60
C THR A 376 -2.12 -14.22 -0.25
N PRO A 377 -2.44 -14.07 1.02
CA PRO A 377 -3.84 -14.01 1.35
C PRO A 377 -4.48 -12.62 1.26
N HIS A 378 -5.77 -12.59 0.96
CA HIS A 378 -6.61 -11.46 1.33
C HIS A 378 -7.03 -11.59 2.83
N PRO A 379 -7.61 -10.52 3.40
CA PRO A 379 -7.91 -10.48 4.83
C PRO A 379 -8.78 -11.61 5.34
N GLY A 380 -9.74 -12.05 4.55
CA GLY A 380 -10.55 -13.23 4.93
C GLY A 380 -9.75 -14.51 5.08
N GLU A 381 -8.87 -14.78 4.13
CA GLU A 381 -7.93 -15.87 4.26
C GLU A 381 -6.92 -15.66 5.39
N MET A 382 -6.48 -14.42 5.61
CA MET A 382 -5.53 -14.16 6.72
C MET A 382 -6.21 -14.39 8.08
N ALA A 383 -7.45 -13.91 8.20
CA ALA A 383 -8.27 -14.12 9.39
C ALA A 383 -8.35 -15.62 9.73
N ARG A 384 -8.82 -16.45 8.80
CA ARG A 384 -8.94 -17.90 9.05
C ARG A 384 -7.60 -18.53 9.35
N LEU A 385 -6.55 -18.06 8.69
CA LEU A 385 -5.26 -18.66 8.87
C LEU A 385 -4.76 -18.50 10.32
N VAL A 386 -4.78 -17.26 10.84
CA VAL A 386 -4.37 -16.98 12.23
C VAL A 386 -5.54 -17.02 13.26
N LYS A 387 -6.74 -17.32 12.80
CA LYS A 387 -7.92 -17.45 13.69
C LYS A 387 -8.30 -16.17 14.43
N LYS A 388 -8.40 -15.09 13.67
CA LYS A 388 -8.86 -13.80 14.14
C LYS A 388 -9.98 -13.29 13.22
N THR A 389 -10.54 -12.12 13.56
CA THR A 389 -11.61 -11.55 12.78
C THR A 389 -10.94 -10.80 11.67
N VAL A 390 -11.64 -10.65 10.55
CA VAL A 390 -11.23 -9.78 9.46
C VAL A 390 -10.80 -8.39 9.92
N GLY A 391 -11.56 -7.80 10.86
CA GLY A 391 -11.27 -6.47 11.41
C GLY A 391 -9.98 -6.41 12.22
N ASP A 392 -9.60 -7.48 12.90
CA ASP A 392 -8.33 -7.51 13.62
C ASP A 392 -7.11 -7.57 12.68
N VAL A 393 -7.24 -8.16 11.49
CA VAL A 393 -6.09 -8.38 10.61
C VAL A 393 -5.96 -7.37 9.46
N LYS A 394 -7.08 -6.78 9.03
CA LYS A 394 -7.06 -5.85 7.95
C LYS A 394 -6.16 -4.66 8.25
N TYR A 395 -5.31 -4.34 7.32
CA TYR A 395 -4.30 -3.30 7.51
C TYR A 395 -3.43 -3.44 8.76
N ASN A 396 -3.36 -4.65 9.30
CA ASN A 396 -2.57 -4.85 10.51
C ASN A 396 -1.15 -5.26 10.14
N TYR A 397 -0.32 -4.26 9.83
CA TYR A 397 1.05 -4.52 9.38
C TYR A 397 1.98 -5.14 10.44
N GLU A 398 1.80 -4.83 11.71
CA GLU A 398 2.55 -5.52 12.73
C GLU A 398 2.20 -7.03 12.88
N LEU A 399 0.93 -7.39 12.74
CA LEU A 399 0.56 -8.80 12.73
C LEU A 399 1.20 -9.50 11.52
N ALA A 400 1.12 -8.88 10.36
CA ALA A 400 1.79 -9.43 9.19
C ALA A 400 3.29 -9.58 9.42
N GLU A 401 3.93 -8.57 10.02
CA GLU A 401 5.35 -8.71 10.37
C GLU A 401 5.64 -9.91 11.28
N GLU A 402 4.92 -10.02 12.40
CA GLU A 402 5.07 -11.17 13.30
C GLU A 402 4.92 -12.51 12.60
N PHE A 403 3.94 -12.62 11.73
CA PHE A 403 3.67 -13.88 11.10
C PHE A 403 4.81 -14.26 10.13
N ALA A 404 5.28 -13.30 9.33
CA ALA A 404 6.36 -13.59 8.36
C ALA A 404 7.61 -14.02 9.10
N LYS A 405 7.92 -13.30 10.15
CA LYS A 405 9.07 -13.58 11.00
C LYS A 405 8.95 -14.98 11.67
N GLU A 406 7.82 -15.29 12.28
CA GLU A 406 7.59 -16.59 12.95
C GLU A 406 7.58 -17.79 12.00
N ASN A 407 7.26 -17.55 10.74
CA ASN A 407 7.08 -18.65 9.82
C ASN A 407 8.11 -18.64 8.70
N ASP A 408 9.08 -17.73 8.80
CA ASP A 408 10.18 -17.63 7.82
C ASP A 408 9.63 -17.59 6.42
N CYS A 409 8.86 -16.54 6.13
CA CYS A 409 8.21 -16.40 4.86
C CYS A 409 7.97 -14.93 4.50
N VAL A 410 7.55 -14.69 3.28
CA VAL A 410 7.12 -13.38 2.88
C VAL A 410 5.63 -13.46 2.87
N LEU A 411 5.01 -12.44 3.45
CA LEU A 411 3.56 -12.35 3.46
C LEU A 411 3.14 -11.13 2.69
N VAL A 412 2.18 -11.36 1.82
CA VAL A 412 1.61 -10.35 0.93
C VAL A 412 0.15 -10.34 1.25
N LEU A 413 -0.25 -9.34 2.01
CA LEU A 413 -1.57 -9.22 2.50
C LEU A 413 -2.31 -8.26 1.58
N LYS A 414 -3.20 -8.83 0.78
CA LYS A 414 -3.85 -8.11 -0.32
C LYS A 414 -4.95 -7.15 0.18
N SER A 415 -5.03 -5.96 -0.43
CA SER A 415 -6.09 -4.99 -0.20
C SER A 415 -5.78 -3.78 -1.06
N ALA A 416 -6.59 -2.74 -0.93
CA ALA A 416 -6.43 -1.61 -1.81
C ALA A 416 -5.05 -1.00 -1.57
N THR A 417 -4.56 -1.02 -0.32
CA THR A 417 -3.12 -0.91 -0.06
C THR A 417 -2.67 -2.30 0.37
N THR A 418 -1.72 -2.86 -0.36
CA THR A 418 -1.18 -4.17 -0.05
C THR A 418 0.12 -4.01 0.75
N ILE A 419 0.26 -4.90 1.73
CA ILE A 419 1.41 -4.96 2.62
C ILE A 419 2.25 -6.17 2.21
N VAL A 420 3.56 -5.97 2.06
CA VAL A 420 4.52 -7.02 1.69
C VAL A 420 5.57 -6.94 2.78
N THR A 421 5.76 -8.04 3.48
CA THR A 421 6.77 -8.07 4.54
C THR A 421 7.45 -9.42 4.62
N ASP A 422 8.69 -9.40 5.11
CA ASP A 422 9.44 -10.59 5.45
C ASP A 422 9.76 -10.69 6.95
N GLY A 423 9.22 -9.75 7.72
CA GLY A 423 9.45 -9.62 9.17
C GLY A 423 10.47 -8.53 9.54
N GLU A 424 11.34 -8.16 8.63
CA GLU A 424 12.36 -7.15 8.89
C GLU A 424 11.98 -5.89 8.10
N LYS A 425 11.70 -6.11 6.82
CA LYS A 425 11.38 -5.04 5.90
C LYS A 425 9.90 -5.16 5.55
N THR A 426 9.21 -4.02 5.62
CA THR A 426 7.83 -3.94 5.28
C THR A 426 7.60 -2.88 4.21
N LEU A 427 6.89 -3.27 3.14
CA LEU A 427 6.53 -2.36 2.07
C LEU A 427 5.02 -2.26 1.79
N PHE A 428 4.63 -1.05 1.38
CA PHE A 428 3.24 -0.73 1.07
C PHE A 428 3.05 -0.39 -0.38
N ASN A 429 2.06 -1.02 -0.99
CA ASN A 429 1.72 -0.76 -2.40
C ASN A 429 0.47 0.06 -2.50
N ILE A 430 0.54 1.11 -3.33
CA ILE A 430 -0.55 2.03 -3.53
C ILE A 430 -1.05 2.15 -5.01
N THR A 431 -0.61 1.27 -5.88
CA THR A 431 -1.13 1.26 -7.21
C THR A 431 -2.39 0.41 -7.26
N GLY A 432 -3.14 0.53 -8.35
CA GLY A 432 -4.35 -0.25 -8.53
C GLY A 432 -5.61 0.57 -8.41
N ASN A 433 -6.75 -0.07 -8.66
CA ASN A 433 -8.03 0.64 -8.53
C ASN A 433 -9.10 -0.40 -8.36
N THR A 434 -10.37 0.01 -8.30
CA THR A 434 -11.44 -0.94 -7.94
C THR A 434 -11.72 -1.98 -9.04
N GLY A 435 -11.10 -1.83 -10.20
CA GLY A 435 -11.24 -2.83 -11.24
C GLY A 435 -10.65 -4.18 -10.85
N LEU A 436 -9.74 -4.21 -9.90
CA LEU A 436 -9.14 -5.45 -9.43
C LEU A 436 -10.05 -6.13 -8.39
N SER A 437 -11.16 -5.50 -8.04
CA SER A 437 -12.11 -6.04 -7.05
C SER A 437 -13.06 -6.98 -7.73
N LYS A 438 -12.52 -8.05 -8.28
CA LYS A 438 -13.27 -8.91 -9.17
C LYS A 438 -12.49 -10.19 -9.11
N GLY A 439 -13.16 -11.32 -9.08
CA GLY A 439 -12.46 -12.58 -9.00
C GLY A 439 -11.54 -12.80 -10.17
N GLY A 440 -10.41 -13.42 -9.88
CA GLY A 440 -9.39 -13.71 -10.87
C GLY A 440 -8.24 -12.74 -10.91
N SER A 441 -8.39 -11.56 -10.35
CA SER A 441 -7.27 -10.64 -10.29
C SER A 441 -6.19 -11.20 -9.40
N GLY A 442 -6.60 -11.85 -8.33
CA GLY A 442 -5.69 -12.48 -7.41
C GLY A 442 -4.92 -13.59 -8.08
N ASP A 443 -5.56 -14.33 -8.95
CA ASP A 443 -4.89 -15.42 -9.63
C ASP A 443 -3.74 -14.93 -10.51
N VAL A 444 -3.95 -13.80 -11.18
CA VAL A 444 -2.94 -13.23 -12.03
C VAL A 444 -1.73 -12.87 -11.17
N LEU A 445 -1.98 -12.25 -10.02
CA LEU A 445 -0.86 -11.84 -9.14
C LEU A 445 0.03 -13.01 -8.72
N THR A 446 -0.59 -14.11 -8.32
CA THR A 446 0.16 -15.32 -7.91
C THR A 446 1.14 -15.74 -8.99
N GLY A 447 0.64 -15.76 -10.22
CA GLY A 447 1.48 -16.06 -11.35
C GLY A 447 2.62 -15.08 -11.57
N MET A 448 2.36 -13.78 -11.46
CA MET A 448 3.41 -12.77 -11.55
C MET A 448 4.55 -12.97 -10.51
N ILE A 449 4.20 -13.19 -9.26
CA ILE A 449 5.21 -13.43 -8.22
C ILE A 449 6.08 -14.66 -8.60
N ALA A 450 5.45 -15.79 -8.97
CA ALA A 450 6.17 -17.04 -9.25
C ALA A 450 7.09 -16.82 -10.40
N GLY A 451 6.62 -16.13 -11.43
CA GLY A 451 7.43 -15.83 -12.58
C GLY A 451 8.64 -14.99 -12.21
N PHE A 452 8.44 -14.01 -11.34
CA PHE A 452 9.56 -13.16 -11.03
C PHE A 452 10.61 -13.90 -10.20
N ILE A 453 10.16 -14.84 -9.36
CA ILE A 453 11.08 -15.68 -8.62
C ILE A 453 11.82 -16.58 -9.60
N ALA A 454 11.09 -17.18 -10.51
CA ALA A 454 11.72 -18.02 -11.52
C ALA A 454 12.87 -17.28 -12.24
N GLN A 455 12.73 -15.96 -12.45
CA GLN A 455 13.74 -15.18 -13.15
C GLN A 455 14.90 -14.75 -12.23
N GLY A 456 14.90 -15.16 -10.97
CA GLY A 456 16.05 -14.93 -10.07
C GLY A 456 15.90 -13.86 -9.00
N LEU A 457 14.76 -13.20 -8.93
CA LEU A 457 14.49 -12.29 -7.85
C LEU A 457 14.19 -13.12 -6.60
N SER A 458 14.55 -12.57 -5.45
CA SER A 458 14.21 -13.14 -4.17
C SER A 458 12.69 -13.08 -4.02
N PRO A 459 12.14 -13.88 -3.09
CA PRO A 459 10.69 -13.79 -2.77
C PRO A 459 10.16 -12.39 -2.40
N LEU A 460 10.93 -11.61 -1.66
CA LEU A 460 10.48 -10.31 -1.27
C LEU A 460 10.50 -9.37 -2.48
N GLU A 461 11.60 -9.40 -3.22
CA GLU A 461 11.73 -8.64 -4.47
C GLU A 461 10.66 -8.98 -5.49
N ALA A 462 10.43 -10.26 -5.72
CA ALA A 462 9.43 -10.72 -6.67
C ALA A 462 8.07 -10.18 -6.30
N SER A 463 7.75 -10.23 -5.00
CA SER A 463 6.48 -9.75 -4.43
C SER A 463 6.28 -8.24 -4.55
N THR A 464 7.33 -7.49 -4.30
CA THR A 464 7.32 -6.03 -4.40
C THR A 464 7.04 -5.54 -5.82
N VAL A 465 7.79 -6.09 -6.76
CA VAL A 465 7.66 -5.74 -8.19
C VAL A 465 6.27 -6.19 -8.71
N SER A 466 5.80 -7.37 -8.29
CA SER A 466 4.56 -7.86 -8.80
C SER A 466 3.35 -7.04 -8.35
N VAL A 467 3.21 -6.77 -7.03
CA VAL A 467 2.06 -6.03 -6.56
C VAL A 467 2.08 -4.63 -7.22
N TYR A 468 3.25 -4.04 -7.40
CA TYR A 468 3.28 -2.72 -8.02
C TYR A 468 2.75 -2.77 -9.42
N LEU A 469 3.27 -3.70 -10.23
CA LEU A 469 2.93 -3.80 -11.67
C LEU A 469 1.50 -4.24 -11.93
N HIS A 470 1.05 -5.16 -11.09
CA HIS A 470 -0.33 -5.67 -11.11
C HIS A 470 -1.29 -4.52 -10.95
N GLY A 471 -1.04 -3.62 -10.00
CA GLY A 471 -1.87 -2.42 -9.81
C GLY A 471 -1.70 -1.42 -10.92
N PHE A 472 -0.48 -1.26 -11.41
CA PHE A 472 -0.24 -0.23 -12.44
C PHE A 472 -0.91 -0.63 -13.76
N ALA A 473 -0.94 -1.93 -14.06
CA ALA A 473 -1.60 -2.43 -15.27
C ALA A 473 -3.12 -2.11 -15.27
N ALA A 474 -3.78 -2.36 -14.13
CA ALA A 474 -5.15 -1.93 -13.87
C ALA A 474 -5.37 -0.42 -14.19
N GLU A 475 -4.44 0.42 -13.80
CA GLU A 475 -4.66 1.86 -14.04
C GLU A 475 -4.50 2.19 -15.50
N LEU A 476 -3.90 1.30 -16.28
CA LEU A 476 -3.74 1.63 -17.68
C LEU A 476 -4.94 1.27 -18.56
N PHE A 477 -5.93 0.59 -17.98
CA PHE A 477 -7.13 0.24 -18.71
C PHE A 477 -7.77 1.52 -19.22
N GLU A 478 -8.11 1.50 -20.50
CA GLU A 478 -8.69 2.63 -21.21
C GLU A 478 -10.09 3.07 -20.83
N GLN A 479 -10.95 2.11 -20.54
CA GLN A 479 -12.35 2.36 -20.18
C GLN A 479 -12.60 2.44 -18.68
N ASP A 480 -13.86 2.55 -18.25
CA ASP A 480 -14.12 2.64 -16.81
C ASP A 480 -13.60 1.41 -16.09
N GLU A 481 -12.94 1.67 -14.98
CA GLU A 481 -12.23 0.64 -14.25
C GLU A 481 -13.16 -0.45 -13.84
N ARG A 482 -14.43 -0.15 -13.67
CA ARG A 482 -15.28 -1.19 -13.13
C ARG A 482 -15.52 -2.32 -14.11
N GLY A 483 -15.18 -2.11 -15.37
CA GLY A 483 -15.42 -3.08 -16.40
C GLY A 483 -14.16 -3.89 -16.66
N LEU A 484 -13.10 -3.62 -15.90
CA LEU A 484 -11.88 -4.37 -16.06
C LEU A 484 -12.04 -5.79 -15.61
N THR A 485 -11.50 -6.73 -16.37
CA THR A 485 -11.49 -8.14 -15.99
C THR A 485 -10.06 -8.63 -16.08
N ALA A 486 -9.79 -9.77 -15.43
CA ALA A 486 -8.46 -10.39 -15.37
C ALA A 486 -7.82 -10.61 -16.76
N SER A 487 -8.62 -11.00 -17.76
CA SER A 487 -8.09 -11.18 -19.10
C SER A 487 -7.59 -9.89 -19.72
N GLU A 488 -8.25 -8.75 -19.47
CA GLU A 488 -7.73 -7.49 -19.95
C GLU A 488 -6.52 -7.09 -19.17
N LEU A 489 -6.52 -7.38 -17.89
CA LEU A 489 -5.36 -7.06 -17.09
C LEU A 489 -4.13 -7.74 -17.62
N LEU A 490 -4.26 -9.01 -18.00
CA LEU A 490 -3.11 -9.75 -18.53
C LEU A 490 -2.51 -9.04 -19.73
N ARG A 491 -3.38 -8.51 -20.57
CA ARG A 491 -2.99 -7.80 -21.78
C ARG A 491 -2.23 -6.49 -21.48
N LEU A 492 -2.54 -5.86 -20.35
CA LEU A 492 -1.96 -4.56 -19.97
C LEU A 492 -0.61 -4.68 -19.23
N ILE A 493 -0.32 -5.87 -18.72
CA ILE A 493 0.91 -6.06 -17.99
C ILE A 493 2.15 -5.55 -18.74
N PRO A 494 2.37 -5.98 -19.99
CA PRO A 494 3.59 -5.53 -20.66
C PRO A 494 3.62 -4.04 -20.99
N GLU A 495 2.46 -3.41 -21.02
CA GLU A 495 2.44 -1.97 -21.13
C GLU A 495 2.93 -1.36 -19.81
N ALA A 496 2.47 -1.93 -18.72
CA ALA A 496 2.93 -1.46 -17.43
C ALA A 496 4.48 -1.52 -17.38
N ILE A 497 5.04 -2.66 -17.80
CA ILE A 497 6.48 -2.89 -17.74
C ILE A 497 7.15 -1.87 -18.63
N ARG A 498 6.65 -1.67 -19.82
CA ARG A 498 7.27 -0.67 -20.67
C ARG A 498 7.18 0.68 -20.02
N ARG A 499 6.04 1.02 -19.43
CA ARG A 499 5.90 2.40 -18.91
C ARG A 499 6.81 2.67 -17.70
N LEU A 500 7.09 1.63 -16.93
CA LEU A 500 8.10 1.61 -15.90
C LEU A 500 9.46 2.09 -16.36
N LYS A 501 9.78 1.94 -17.65
CA LYS A 501 11.12 2.33 -18.21
C LYS A 501 11.07 3.46 -19.27
N ALA B 1 12.02 18.79 -7.45
CA ALA B 1 12.45 17.55 -6.69
C ALA B 1 13.11 17.77 -5.29
N TRP B 2 13.71 18.95 -5.08
CA TRP B 2 14.38 19.27 -3.80
C TRP B 2 13.39 19.45 -2.65
N LEU B 3 12.29 20.17 -2.89
CA LEU B 3 11.34 20.46 -1.83
C LEU B 3 10.30 19.31 -1.62
N PHE B 4 9.88 18.69 -2.72
CA PHE B 4 8.74 17.75 -2.66
C PHE B 4 9.04 16.41 -3.27
N GLU B 5 8.64 15.34 -2.58
CA GLU B 5 8.32 14.04 -3.21
C GLU B 5 6.79 13.99 -3.45
N ALA B 6 6.36 13.52 -4.63
CA ALA B 6 4.88 13.36 -4.91
C ALA B 6 4.57 11.92 -5.30
K K C . -3.83 18.67 10.70
P AMP D . -8.07 -11.66 -4.33
O1P AMP D . -9.29 -11.88 -5.17
O2P AMP D . -8.43 -10.78 -3.13
O3P AMP D . -7.22 -12.89 -4.20
O5' AMP D . -7.11 -10.62 -5.14
C5' AMP D . -7.52 -9.29 -5.39
C4' AMP D . -6.36 -8.53 -5.97
O4' AMP D . -6.75 -7.22 -6.41
C3' AMP D . -5.35 -8.22 -4.88
O3' AMP D . -4.11 -8.07 -5.54
C2' AMP D . -5.79 -6.91 -4.27
O2' AMP D . -4.78 -6.17 -3.60
C1' AMP D . -6.27 -6.19 -5.51
N9 AMP D . -7.39 -5.26 -5.25
C8 AMP D . -8.67 -5.61 -4.95
N7 AMP D . -9.45 -4.49 -4.79
C5 AMP D . -8.66 -3.44 -4.99
C6 AMP D . -8.84 -1.98 -4.99
N6 AMP D . -10.04 -1.46 -4.72
N1 AMP D . -7.78 -1.19 -5.23
C2 AMP D . -6.57 -1.72 -5.48
N3 AMP D . -6.33 -3.06 -5.51
C4 AMP D . -7.32 -3.94 -5.28
P AMP E . -14.51 -11.61 -0.88
O1P AMP E . -13.64 -12.65 -1.58
O2P AMP E . -14.08 -10.18 -1.13
O3P AMP E . -16.03 -11.81 -0.93
O5' AMP E . -14.08 -11.91 0.64
C5' AMP E . -14.31 -13.16 1.31
C4' AMP E . -14.43 -12.76 2.77
O4' AMP E . -13.17 -12.20 3.15
C3' AMP E . -15.52 -11.68 2.98
O3' AMP E . -16.52 -12.19 3.88
C2' AMP E . -14.78 -10.42 3.45
O2' AMP E . -15.15 -9.89 4.73
C1' AMP E . -13.33 -10.82 3.57
N9 AMP E . -12.45 -9.96 2.79
C8 AMP E . -11.68 -10.28 1.73
N7 AMP E . -10.98 -9.22 1.28
C5 AMP E . -11.29 -8.21 2.09
C6 AMP E . -10.90 -6.77 2.20
N6 AMP E . -10.01 -6.23 1.32
N1 AMP E . -11.48 -6.04 3.20
C2 AMP E . -12.37 -6.56 4.08
N3 AMP E . -12.75 -7.85 4.01
C4 AMP E . -12.26 -8.68 3.07
#